data_6H7D
#
_entry.id   6H7D
#
_cell.length_a   51.680
_cell.length_b   92.460
_cell.length_c   66.800
_cell.angle_alpha   90.000
_cell.angle_beta   109.370
_cell.angle_gamma   90.000
#
_symmetry.space_group_name_H-M   'P 1 21 1'
#
loop_
_entity.id
_entity.type
_entity.pdbx_description
1 polymer 'Sugar transport protein 10'
2 non-polymer beta-D-glucopyranose
3 non-polymer 3,6,9,12,15,18-HEXAOXAICOSANE-1,20-DIOL
4 non-polymer 'PHOSPHATE ION'
5 non-polymer '(2R)-2,3-dihydroxypropyl (9Z)-octadec-9-enoate'
6 water water
#
_entity_poly.entity_id   1
_entity_poly.type   'polypeptide(L)'
_entity_poly.pdbx_seq_one_letter_code
;MAAGGAFVSEGGGGGRSYEGGVTAFVIMTCIVAAMGGLLFGYDLGISGGVTSMEEFLTKFFPQVESQMKKAKHDTAYCKF
DNQMLQLFTSSLYLAALVASFMASVITRKHGRKVSMFIGGLAFLIGALFNAFAVNVSMLIIGRLLLGVGVGFANQSTPVY
LSEMAPAKIRGALNIGFQMAITIGILVANLINYGTSKMAQHGWRVSLGLAAVPAVVMVIGSFILPDTPNSMLERGKNEEA
KQMLKKIRGADNVDHEFQDLIDAVEAAKKVENPWKNIMESKYRPALIFCSAIPFFQQITGINVIMFYAPVLFKTLGFGDD
AALMSAVITGVVNMLSTFVSIYAVDRYGRRLLFLEGGIQMFICQLLVGSFIGARFGTSGTGTLTPATADWILAFICVYVA
GFAWSWGPLGWLVPSEICPLEIRPAGQAINVSVNMFFTFLIGQFFLTMLCHMKFGLFYFFASMVAIMTVFIYFLLPETKG
VPIEEMGRVWKQHWFWKKYIPEDAIIGGHDDNNTNPGLVPR
;
_entity_poly.pdbx_strand_id   A
#
loop_
_chem_comp.id
_chem_comp.type
_chem_comp.name
_chem_comp.formula
BGC D-saccharide, beta linking beta-D-glucopyranose 'C6 H12 O6'
OLC non-polymer '(2R)-2,3-dihydroxypropyl (9Z)-octadec-9-enoate' 'C21 H40 O4'
P33 non-polymer 3,6,9,12,15,18-HEXAOXAICOSANE-1,20-DIOL 'C14 H30 O8'
PO4 non-polymer 'PHOSPHATE ION' 'O4 P -3'
#
# COMPACT_ATOMS: atom_id res chain seq x y z
N VAL A 22 -12.36 23.21 -7.30
CA VAL A 22 -12.09 21.93 -7.95
C VAL A 22 -12.47 21.97 -9.43
N THR A 23 -11.51 21.65 -10.27
CA THR A 23 -11.65 21.72 -11.71
C THR A 23 -11.66 20.31 -12.30
N ALA A 24 -12.03 20.23 -13.58
CA ALA A 24 -11.89 18.98 -14.32
C ALA A 24 -10.43 18.61 -14.54
N PHE A 25 -9.55 19.61 -14.53
CA PHE A 25 -8.12 19.36 -14.71
C PHE A 25 -7.52 18.72 -13.46
N VAL A 26 -7.81 19.29 -12.28
CA VAL A 26 -7.21 18.71 -11.08
C VAL A 26 -7.71 17.29 -10.87
N ILE A 27 -8.95 17.00 -11.26
CA ILE A 27 -9.48 15.65 -11.11
C ILE A 27 -8.70 14.67 -11.99
N MET A 28 -8.62 14.98 -13.29
CA MET A 28 -7.98 14.06 -14.23
C MET A 28 -6.50 13.87 -13.91
N THR A 29 -5.86 14.92 -13.41
CA THR A 29 -4.47 14.81 -13.00
C THR A 29 -4.29 13.78 -11.89
N CYS A 30 -5.19 13.78 -10.90
CA CYS A 30 -5.02 12.89 -9.76
C CYS A 30 -5.39 11.45 -10.11
N ILE A 31 -6.45 11.27 -10.91
CA ILE A 31 -6.75 9.95 -11.48
C ILE A 31 -5.52 9.35 -12.17
N VAL A 32 -4.90 10.12 -13.06
CA VAL A 32 -3.74 9.65 -13.82
C VAL A 32 -2.54 9.38 -12.90
N ALA A 33 -2.41 10.13 -11.82
CA ALA A 33 -1.30 9.89 -10.92
C ALA A 33 -1.55 8.69 -10.02
N ALA A 34 -2.81 8.49 -9.61
CA ALA A 34 -3.18 7.36 -8.78
C ALA A 34 -2.92 6.02 -9.47
N MET A 35 -2.87 6.01 -10.80
CA MET A 35 -2.56 4.77 -11.50
C MET A 35 -1.21 4.18 -11.11
N GLY A 36 -0.34 4.94 -10.42
CA GLY A 36 0.88 4.35 -9.87
C GLY A 36 0.63 3.29 -8.80
N GLY A 37 -0.55 3.29 -8.17
CA GLY A 37 -0.90 2.20 -7.27
C GLY A 37 -1.01 0.85 -7.95
N LEU A 38 -1.38 0.82 -9.24
CA LEU A 38 -1.50 -0.45 -9.95
C LEU A 38 -0.20 -1.24 -9.93
N LEU A 39 0.94 -0.57 -9.93
CA LEU A 39 2.22 -1.29 -9.98
C LEU A 39 2.34 -2.20 -8.77
N PHE A 40 2.28 -1.61 -7.58
CA PHE A 40 2.26 -2.35 -6.32
C PHE A 40 1.12 -3.36 -6.29
N GLY A 41 -0.06 -2.93 -6.75
CA GLY A 41 -1.23 -3.80 -6.69
C GLY A 41 -1.07 -5.02 -7.58
N TYR A 42 -0.60 -4.81 -8.82
CA TYR A 42 -0.38 -5.93 -9.71
C TYR A 42 0.58 -6.93 -9.09
N ASP A 43 1.69 -6.45 -8.54
CA ASP A 43 2.67 -7.37 -8.01
C ASP A 43 2.11 -8.16 -6.83
N LEU A 44 1.35 -7.50 -5.95
CA LEU A 44 0.74 -8.20 -4.81
C LEU A 44 -0.22 -9.29 -5.28
N GLY A 45 -1.02 -9.00 -6.31
CA GLY A 45 -2.00 -9.98 -6.77
C GLY A 45 -1.45 -11.13 -7.56
N ILE A 46 -0.36 -10.91 -8.30
CA ILE A 46 0.08 -11.87 -9.30
C ILE A 46 1.04 -12.90 -8.75
N SER A 47 1.80 -12.57 -7.71
CA SER A 47 2.91 -13.46 -7.37
C SER A 47 2.41 -14.75 -6.69
N GLY A 48 1.22 -14.75 -6.09
CA GLY A 48 0.69 -15.97 -5.51
C GLY A 48 0.28 -17.00 -6.55
N GLY A 49 -0.41 -16.55 -7.59
CA GLY A 49 -0.75 -17.47 -8.66
C GLY A 49 0.47 -18.02 -9.38
N VAL A 50 1.37 -17.12 -9.82
CA VAL A 50 2.54 -17.56 -10.57
C VAL A 50 3.29 -18.65 -9.81
N THR A 51 3.49 -18.44 -8.51
CA THR A 51 4.28 -19.37 -7.69
C THR A 51 3.63 -20.75 -7.60
N SER A 52 2.32 -20.85 -7.82
CA SER A 52 1.63 -22.14 -7.87
C SER A 52 1.68 -22.79 -9.25
N MET A 53 2.18 -22.11 -10.29
CA MET A 53 2.19 -22.66 -11.64
C MET A 53 3.32 -23.67 -11.78
N GLU A 54 2.95 -24.92 -12.11
CA GLU A 54 3.94 -25.99 -12.16
C GLU A 54 5.00 -25.73 -13.20
N GLU A 55 4.60 -25.15 -14.34
CA GLU A 55 5.58 -24.88 -15.38
C GLU A 55 6.61 -23.86 -14.91
N PHE A 56 6.18 -22.90 -14.10
CA PHE A 56 7.09 -21.88 -13.59
C PHE A 56 7.98 -22.44 -12.48
N LEU A 57 7.46 -23.31 -11.62
CA LEU A 57 8.29 -23.90 -10.58
C LEU A 57 9.37 -24.79 -11.18
N THR A 58 8.99 -25.60 -12.17
CA THR A 58 9.94 -26.53 -12.78
C THR A 58 11.14 -25.78 -13.35
N LYS A 59 10.90 -24.64 -14.01
CA LYS A 59 12.02 -23.86 -14.56
C LYS A 59 12.94 -23.36 -13.47
N PHE A 60 12.42 -22.59 -12.50
CA PHE A 60 13.27 -21.75 -11.68
C PHE A 60 13.56 -22.29 -10.29
N PHE A 61 12.72 -23.19 -9.77
CA PHE A 61 12.88 -23.74 -8.44
C PHE A 61 12.48 -25.21 -8.47
N PRO A 62 13.25 -26.04 -9.17
CA PRO A 62 12.87 -27.46 -9.29
C PRO A 62 12.91 -28.19 -7.96
N GLN A 63 13.51 -27.60 -6.93
CA GLN A 63 13.48 -28.19 -5.60
C GLN A 63 12.10 -28.00 -4.94
N VAL A 64 11.46 -26.85 -5.16
CA VAL A 64 10.08 -26.69 -4.70
C VAL A 64 9.17 -27.65 -5.48
N GLU A 65 9.33 -27.69 -6.81
CA GLU A 65 8.50 -28.57 -7.61
C GLU A 65 8.71 -30.04 -7.22
N SER A 66 9.95 -30.42 -6.94
CA SER A 66 10.23 -31.82 -6.61
C SER A 66 9.59 -32.23 -5.29
N GLN A 67 9.07 -31.30 -4.51
CA GLN A 67 8.26 -31.66 -3.35
C GLN A 67 6.81 -31.19 -3.46
N MET A 68 6.49 -30.29 -4.39
CA MET A 68 5.10 -30.12 -4.79
C MET A 68 4.58 -31.40 -5.47
N LYS A 69 5.45 -32.08 -6.22
CA LYS A 69 5.07 -33.32 -6.89
C LYS A 69 4.57 -34.35 -5.88
N LYS A 70 5.12 -34.34 -4.66
CA LYS A 70 4.75 -35.31 -3.64
C LYS A 70 3.86 -34.71 -2.56
N ALA A 71 3.27 -33.54 -2.80
CA ALA A 71 2.38 -32.87 -1.85
C ALA A 71 0.92 -32.91 -2.28
N LYS A 72 0.63 -32.42 -3.49
CA LYS A 72 -0.71 -32.45 -4.08
C LYS A 72 -1.70 -31.54 -3.36
N HIS A 73 -1.71 -31.56 -2.02
CA HIS A 73 -2.63 -30.74 -1.23
C HIS A 73 -1.94 -29.53 -0.61
N ASP A 74 -0.74 -29.18 -1.10
CA ASP A 74 0.00 -28.04 -0.57
C ASP A 74 -0.07 -26.83 -1.51
N THR A 75 0.40 -25.70 -1.00
CA THR A 75 0.56 -24.49 -1.77
C THR A 75 2.05 -24.21 -1.88
N ALA A 76 2.53 -23.93 -3.09
CA ALA A 76 3.97 -23.86 -3.32
C ALA A 76 4.63 -22.75 -2.50
N TYR A 77 3.99 -21.57 -2.40
CA TYR A 77 4.66 -20.48 -1.68
C TYR A 77 4.87 -20.79 -0.20
N CYS A 78 4.24 -21.84 0.32
CA CYS A 78 4.50 -22.32 1.68
C CYS A 78 5.86 -22.97 1.84
N LYS A 79 6.50 -23.40 0.75
CA LYS A 79 7.82 -23.98 0.82
C LYS A 79 8.91 -22.97 0.53
N PHE A 80 8.54 -21.70 0.32
CA PHE A 80 9.55 -20.66 0.19
C PHE A 80 10.06 -20.27 1.58
N ASP A 81 10.30 -21.29 2.41
CA ASP A 81 10.76 -21.15 3.76
C ASP A 81 12.25 -21.42 3.90
N ASN A 82 12.87 -21.94 2.86
CA ASN A 82 14.30 -22.22 2.85
C ASN A 82 15.07 -20.90 2.73
N GLN A 83 16.28 -20.88 3.30
CA GLN A 83 17.06 -19.65 3.42
C GLN A 83 17.21 -18.92 2.07
N MET A 84 17.66 -19.61 1.03
CA MET A 84 17.82 -18.95 -0.26
C MET A 84 16.49 -18.49 -0.84
N LEU A 85 15.39 -19.17 -0.49
CA LEU A 85 14.10 -18.72 -1.01
C LEU A 85 13.65 -17.43 -0.35
N GLN A 86 13.88 -17.30 0.97
CA GLN A 86 13.56 -16.05 1.64
C GLN A 86 14.36 -14.88 1.06
N LEU A 87 15.62 -15.12 0.73
CA LEU A 87 16.41 -14.11 0.03
C LEU A 87 15.69 -13.62 -1.22
N PHE A 88 15.25 -14.55 -2.07
CA PHE A 88 14.61 -14.16 -3.32
C PHE A 88 13.34 -13.36 -3.06
N THR A 89 12.55 -13.77 -2.05
CA THR A 89 11.30 -13.06 -1.71
C THR A 89 11.58 -11.66 -1.17
N SER A 90 12.56 -11.53 -0.28
CA SER A 90 12.83 -10.26 0.39
C SER A 90 13.41 -9.22 -0.56
N SER A 91 14.16 -9.68 -1.58
CA SER A 91 14.87 -8.77 -2.48
C SER A 91 13.97 -7.66 -3.02
N LEU A 92 12.71 -7.95 -3.30
CA LEU A 92 11.82 -6.89 -3.76
C LEU A 92 11.58 -5.86 -2.66
N TYR A 93 11.34 -6.31 -1.43
CA TYR A 93 11.11 -5.36 -0.34
C TYR A 93 12.38 -4.63 0.04
N LEU A 94 13.54 -5.28 -0.08
CA LEU A 94 14.80 -4.60 0.14
C LEU A 94 15.01 -3.50 -0.89
N ALA A 95 14.72 -3.80 -2.15
CA ALA A 95 14.91 -2.82 -3.20
C ALA A 95 13.95 -1.65 -3.03
N ALA A 96 12.69 -1.94 -2.72
CA ALA A 96 11.72 -0.87 -2.53
C ALA A 96 12.07 -0.03 -1.30
N LEU A 97 12.44 -0.69 -0.22
CA LEU A 97 12.84 0.03 0.99
C LEU A 97 13.99 1.00 0.67
N VAL A 98 14.92 0.57 -0.18
CA VAL A 98 16.10 1.39 -0.46
C VAL A 98 15.80 2.42 -1.53
N ALA A 99 15.03 2.05 -2.54
CA ALA A 99 14.55 3.04 -3.50
C ALA A 99 13.82 4.19 -2.80
N SER A 100 13.00 3.87 -1.80
CA SER A 100 12.11 4.90 -1.26
C SER A 100 12.90 6.07 -0.65
N PHE A 101 13.99 5.76 0.04
CA PHE A 101 14.91 6.81 0.52
C PHE A 101 15.54 7.59 -0.63
N MET A 102 16.04 6.89 -1.65
CA MET A 102 16.53 7.58 -2.84
C MET A 102 15.47 8.53 -3.37
N ALA A 103 14.21 8.10 -3.38
CA ALA A 103 13.16 8.93 -3.97
C ALA A 103 12.82 10.11 -3.08
N SER A 104 13.09 10.04 -1.78
CA SER A 104 12.88 11.21 -0.94
C SER A 104 13.73 12.35 -1.45
N VAL A 105 15.00 12.06 -1.73
CA VAL A 105 15.92 13.09 -2.21
C VAL A 105 15.49 13.60 -3.58
N ILE A 106 15.31 12.69 -4.53
CA ILE A 106 14.90 13.06 -5.89
C ILE A 106 13.62 13.88 -5.87
N THR A 107 12.61 13.42 -5.14
CA THR A 107 11.30 14.07 -5.16
C THR A 107 11.40 15.50 -4.65
N ARG A 108 12.22 15.73 -3.65
CA ARG A 108 12.36 17.10 -3.17
C ARG A 108 13.25 17.92 -4.10
N LYS A 109 14.39 17.35 -4.51
CA LYS A 109 15.35 18.11 -5.33
C LYS A 109 14.82 18.39 -6.72
N HIS A 110 14.10 17.45 -7.32
CA HIS A 110 13.66 17.59 -8.70
C HIS A 110 12.15 17.60 -8.88
N GLY A 111 11.37 17.11 -7.93
CA GLY A 111 9.94 17.24 -8.04
C GLY A 111 9.28 15.90 -7.98
N ARG A 112 7.99 15.89 -7.63
CA ARG A 112 7.29 14.65 -7.38
C ARG A 112 7.09 13.84 -8.66
N LYS A 113 6.68 14.52 -9.74
CA LYS A 113 6.48 13.82 -11.00
C LYS A 113 7.77 13.18 -11.51
N VAL A 114 8.94 13.59 -11.01
CA VAL A 114 10.19 12.98 -11.42
C VAL A 114 10.38 11.62 -10.78
N SER A 115 9.97 11.45 -9.51
CA SER A 115 10.08 10.13 -8.91
C SER A 115 9.05 9.17 -9.47
N MET A 116 7.89 9.70 -9.85
CA MET A 116 6.87 8.86 -10.46
C MET A 116 7.37 8.30 -11.78
N PHE A 117 8.02 9.13 -12.60
CA PHE A 117 8.60 8.64 -13.84
C PHE A 117 9.54 7.47 -13.57
N ILE A 118 10.49 7.66 -12.66
CA ILE A 118 11.47 6.61 -12.37
C ILE A 118 10.77 5.34 -11.89
N GLY A 119 9.71 5.49 -11.09
CA GLY A 119 9.00 4.34 -10.59
C GLY A 119 8.41 3.48 -11.70
N GLY A 120 7.65 4.10 -12.60
CA GLY A 120 7.13 3.37 -13.75
C GLY A 120 8.23 2.72 -14.59
N LEU A 121 9.22 3.52 -14.99
CA LEU A 121 10.28 3.04 -15.87
C LEU A 121 11.04 1.87 -15.25
N ALA A 122 11.41 1.95 -13.98
CA ALA A 122 12.05 0.80 -13.35
C ALA A 122 11.10 -0.40 -13.27
N PHE A 123 9.80 -0.16 -13.03
CA PHE A 123 8.83 -1.25 -12.98
C PHE A 123 8.66 -1.90 -14.34
N LEU A 124 8.56 -1.08 -15.38
CA LEU A 124 8.54 -1.59 -16.76
C LEU A 124 9.74 -2.48 -17.05
N ILE A 125 10.96 -1.99 -16.75
CA ILE A 125 12.15 -2.76 -17.06
C ILE A 125 12.13 -4.11 -16.33
N GLY A 126 11.68 -4.12 -15.08
CA GLY A 126 11.60 -5.37 -14.33
C GLY A 126 10.57 -6.33 -14.89
N ALA A 127 9.45 -5.79 -15.38
CA ALA A 127 8.40 -6.61 -15.96
C ALA A 127 8.90 -7.41 -17.16
N LEU A 128 9.56 -6.73 -18.10
CA LEU A 128 10.04 -7.45 -19.27
C LEU A 128 11.16 -8.41 -18.89
N PHE A 129 11.99 -8.04 -17.90
CA PHE A 129 12.99 -8.98 -17.43
C PHE A 129 12.36 -10.25 -16.89
N ASN A 130 11.29 -10.12 -16.10
CA ASN A 130 10.57 -11.30 -15.61
C ASN A 130 9.91 -12.07 -16.75
N ALA A 131 9.09 -11.39 -17.56
CA ALA A 131 8.38 -12.04 -18.67
C ALA A 131 9.32 -12.76 -19.63
N PHE A 132 10.56 -12.28 -19.74
CA PHE A 132 11.48 -12.86 -20.69
C PHE A 132 12.68 -13.50 -20.01
N ALA A 133 12.54 -13.84 -18.74
CA ALA A 133 13.62 -14.51 -18.02
C ALA A 133 13.87 -15.89 -18.61
N VAL A 134 15.15 -16.27 -18.68
CA VAL A 134 15.52 -17.59 -19.17
C VAL A 134 16.41 -18.29 -18.15
N ASN A 135 16.41 -17.80 -16.91
CA ASN A 135 17.15 -18.39 -15.80
C ASN A 135 16.89 -17.55 -14.56
N VAL A 136 17.31 -18.07 -13.41
CA VAL A 136 16.92 -17.45 -12.14
C VAL A 136 17.60 -16.10 -11.91
N SER A 137 18.62 -15.74 -12.70
CA SER A 137 19.27 -14.45 -12.53
C SER A 137 18.48 -13.33 -13.18
N MET A 138 17.76 -13.58 -14.29
CA MET A 138 16.87 -12.56 -14.82
C MET A 138 15.67 -12.34 -13.91
N LEU A 139 15.26 -13.39 -13.20
CA LEU A 139 14.13 -13.28 -12.28
C LEU A 139 14.48 -12.37 -11.10
N ILE A 140 15.62 -12.62 -10.46
CA ILE A 140 16.17 -11.70 -9.45
C ILE A 140 16.24 -10.27 -10.00
N ILE A 141 16.85 -10.11 -11.17
CA ILE A 141 17.11 -8.76 -11.69
C ILE A 141 15.79 -8.06 -11.98
N GLY A 142 14.81 -8.78 -12.51
CA GLY A 142 13.49 -8.18 -12.68
C GLY A 142 12.82 -7.93 -11.34
N ARG A 143 13.15 -8.72 -10.33
CA ARG A 143 12.54 -8.54 -9.03
C ARG A 143 13.15 -7.35 -8.29
N LEU A 144 14.48 -7.19 -8.36
CA LEU A 144 15.10 -5.98 -7.83
C LEU A 144 14.51 -4.76 -8.51
N LEU A 145 14.27 -4.84 -9.82
CA LEU A 145 13.79 -3.66 -10.53
C LEU A 145 12.35 -3.35 -10.19
N LEU A 146 11.48 -4.38 -10.08
CA LEU A 146 10.09 -4.16 -9.66
C LEU A 146 10.03 -3.39 -8.35
N GLY A 147 10.92 -3.72 -7.41
CA GLY A 147 10.87 -3.08 -6.10
C GLY A 147 11.34 -1.64 -6.12
N VAL A 148 12.41 -1.37 -6.86
CA VAL A 148 12.78 0.02 -7.16
C VAL A 148 11.56 0.78 -7.66
N GLY A 149 10.83 0.18 -8.60
CA GLY A 149 9.63 0.82 -9.11
C GLY A 149 8.64 1.13 -8.01
N VAL A 150 8.52 0.22 -7.04
CA VAL A 150 7.52 0.37 -5.96
C VAL A 150 7.99 1.42 -4.94
N GLY A 151 9.28 1.44 -4.62
CA GLY A 151 9.80 2.46 -3.74
C GLY A 151 9.59 3.87 -4.28
N PHE A 152 9.85 4.08 -5.57
CA PHE A 152 9.63 5.40 -6.16
C PHE A 152 8.13 5.71 -6.30
N ALA A 153 7.36 4.79 -6.87
CA ALA A 153 5.94 5.04 -7.06
C ALA A 153 5.23 5.28 -5.72
N ASN A 154 5.50 4.44 -4.73
CA ASN A 154 4.79 4.57 -3.46
C ASN A 154 5.31 5.73 -2.61
N GLN A 155 6.54 6.21 -2.87
CA GLN A 155 7.07 7.29 -2.05
C GLN A 155 6.56 8.64 -2.49
N SER A 156 6.14 8.78 -3.74
CA SER A 156 5.90 10.09 -4.31
C SER A 156 4.48 10.29 -4.80
N THR A 157 3.83 9.24 -5.29
CA THR A 157 2.42 9.38 -5.65
C THR A 157 1.54 9.87 -4.49
N PRO A 158 1.68 9.36 -3.25
CA PRO A 158 0.84 9.92 -2.18
C PRO A 158 1.14 11.38 -1.90
N VAL A 159 2.41 11.79 -1.97
CA VAL A 159 2.76 13.20 -1.81
C VAL A 159 2.11 14.03 -2.90
N TYR A 160 2.21 13.56 -4.15
CA TYR A 160 1.64 14.28 -5.27
C TYR A 160 0.15 14.50 -5.10
N LEU A 161 -0.58 13.42 -4.82
CA LEU A 161 -2.03 13.48 -4.61
C LEU A 161 -2.39 14.43 -3.48
N SER A 162 -1.71 14.31 -2.34
CA SER A 162 -2.06 15.13 -1.19
C SER A 162 -1.86 16.61 -1.48
N GLU A 163 -0.78 16.96 -2.20
CA GLU A 163 -0.50 18.37 -2.49
C GLU A 163 -1.32 18.92 -3.64
N MET A 164 -1.69 18.10 -4.62
CA MET A 164 -2.44 18.63 -5.75
C MET A 164 -3.92 18.81 -5.46
N ALA A 165 -4.47 17.95 -4.60
CA ALA A 165 -5.91 17.94 -4.39
C ALA A 165 -6.33 19.19 -3.63
N PRO A 166 -7.45 19.80 -3.99
CA PRO A 166 -8.05 20.79 -3.10
C PRO A 166 -8.20 20.17 -1.71
N ALA A 167 -7.96 20.99 -0.68
CA ALA A 167 -8.04 20.48 0.68
C ALA A 167 -9.39 19.82 0.96
N LYS A 168 -10.46 20.33 0.35
CA LYS A 168 -11.81 19.85 0.62
C LYS A 168 -11.94 18.35 0.29
N ILE A 169 -11.32 17.91 -0.81
CA ILE A 169 -11.47 16.52 -1.24
C ILE A 169 -10.12 15.82 -1.30
N ARG A 170 -9.15 16.28 -0.52
CA ARG A 170 -7.81 15.69 -0.61
C ARG A 170 -7.85 14.21 -0.31
N GLY A 171 -8.66 13.80 0.67
CA GLY A 171 -8.70 12.40 1.07
C GLY A 171 -9.32 11.50 0.01
N ALA A 172 -10.39 11.96 -0.64
CA ALA A 172 -10.99 11.22 -1.74
C ALA A 172 -10.01 11.01 -2.89
N LEU A 173 -9.34 12.09 -3.33
CA LEU A 173 -8.42 11.98 -4.45
C LEU A 173 -7.12 11.31 -4.04
N ASN A 174 -6.75 11.37 -2.76
CA ASN A 174 -5.58 10.60 -2.33
C ASN A 174 -5.85 9.10 -2.35
N ILE A 175 -7.07 8.68 -2.03
CA ILE A 175 -7.32 7.25 -1.85
C ILE A 175 -7.38 6.53 -3.19
N GLY A 176 -7.64 7.26 -4.26
CA GLY A 176 -7.50 6.71 -5.60
C GLY A 176 -6.21 5.95 -5.82
N PHE A 177 -5.12 6.38 -5.17
CA PHE A 177 -3.90 5.57 -5.18
C PHE A 177 -4.17 4.16 -4.66
N GLN A 178 -4.85 4.06 -3.50
CA GLN A 178 -5.19 2.77 -2.91
C GLN A 178 -6.24 2.02 -3.73
N MET A 179 -7.26 2.73 -4.22
CA MET A 179 -8.21 2.15 -5.15
C MET A 179 -7.47 1.44 -6.28
N ALA A 180 -6.48 2.13 -6.86
CA ALA A 180 -5.63 1.54 -7.89
C ALA A 180 -4.88 0.33 -7.39
N ILE A 181 -4.30 0.41 -6.17
CA ILE A 181 -3.65 -0.78 -5.62
C ILE A 181 -4.63 -1.95 -5.63
N THR A 182 -5.87 -1.73 -5.15
CA THR A 182 -6.79 -2.87 -5.08
C THR A 182 -7.26 -3.31 -6.45
N ILE A 183 -7.27 -2.41 -7.43
CA ILE A 183 -7.56 -2.83 -8.80
C ILE A 183 -6.43 -3.70 -9.35
N GLY A 184 -5.18 -3.31 -9.08
CA GLY A 184 -4.06 -4.15 -9.41
C GLY A 184 -4.15 -5.55 -8.83
N ILE A 185 -4.43 -5.64 -7.54
CA ILE A 185 -4.64 -6.94 -6.89
C ILE A 185 -5.73 -7.75 -7.59
N LEU A 186 -6.90 -7.14 -7.82
CA LEU A 186 -7.99 -7.85 -8.47
C LEU A 186 -7.62 -8.34 -9.86
N VAL A 187 -7.12 -7.42 -10.70
CA VAL A 187 -6.81 -7.75 -12.09
C VAL A 187 -5.76 -8.85 -12.16
N ALA A 188 -4.71 -8.77 -11.34
CA ALA A 188 -3.70 -9.81 -11.36
C ALA A 188 -4.30 -11.18 -11.05
N ASN A 189 -5.22 -11.24 -10.08
CA ASN A 189 -5.82 -12.52 -9.71
C ASN A 189 -6.61 -13.10 -10.88
N LEU A 190 -7.35 -12.24 -11.59
CA LEU A 190 -8.05 -12.68 -12.79
C LEU A 190 -7.09 -13.14 -13.88
N ILE A 191 -5.99 -12.41 -14.06
CA ILE A 191 -4.98 -12.82 -15.04
C ILE A 191 -4.45 -14.21 -14.70
N ASN A 192 -4.02 -14.39 -13.44
CA ASN A 192 -3.48 -15.68 -13.03
C ASN A 192 -4.48 -16.80 -13.30
N TYR A 193 -5.77 -16.53 -13.05
CA TYR A 193 -6.79 -17.56 -13.27
C TYR A 193 -6.77 -18.02 -14.72
N GLY A 194 -6.58 -17.08 -15.65
CA GLY A 194 -6.67 -17.35 -17.07
C GLY A 194 -5.41 -17.98 -17.63
N THR A 195 -4.26 -17.36 -17.35
CA THR A 195 -2.99 -17.92 -17.78
C THR A 195 -2.68 -19.26 -17.11
N SER A 196 -3.29 -19.56 -15.95
CA SER A 196 -3.10 -20.87 -15.33
C SER A 196 -3.65 -21.99 -16.20
N LYS A 197 -4.59 -21.68 -17.07
CA LYS A 197 -5.15 -22.60 -18.05
C LYS A 197 -4.48 -22.38 -19.40
N MET A 198 -3.16 -22.33 -19.42
CA MET A 198 -2.39 -22.23 -20.64
C MET A 198 -1.50 -23.46 -20.78
N ALA A 199 -1.37 -23.93 -22.02
CA ALA A 199 -0.48 -25.06 -22.28
C ALA A 199 0.96 -24.70 -21.97
N GLN A 200 1.42 -23.54 -22.43
CA GLN A 200 2.78 -23.14 -22.15
C GLN A 200 2.84 -21.63 -21.95
N HIS A 201 3.85 -21.20 -21.18
CA HIS A 201 4.25 -19.81 -21.02
C HIS A 201 3.25 -18.96 -20.24
N GLY A 202 2.31 -19.57 -19.53
CA GLY A 202 1.32 -18.80 -18.78
C GLY A 202 1.95 -17.84 -17.78
N TRP A 203 2.96 -18.31 -17.07
CA TRP A 203 3.66 -17.46 -16.10
C TRP A 203 4.29 -16.25 -16.76
N ARG A 204 4.76 -16.40 -18.01
CA ARG A 204 5.37 -15.27 -18.72
C ARG A 204 4.34 -14.18 -18.98
N VAL A 205 3.13 -14.56 -19.43
CA VAL A 205 2.04 -13.61 -19.56
C VAL A 205 1.74 -12.94 -18.22
N SER A 206 1.66 -13.73 -17.15
CA SER A 206 1.28 -13.17 -15.85
C SER A 206 2.27 -12.09 -15.42
N LEU A 207 3.56 -12.42 -15.47
CA LEU A 207 4.59 -11.43 -15.19
C LEU A 207 4.61 -10.33 -16.24
N GLY A 208 4.49 -10.70 -17.51
CA GLY A 208 4.62 -9.72 -18.58
C GLY A 208 3.53 -8.66 -18.59
N LEU A 209 2.32 -9.01 -18.17
CA LEU A 209 1.30 -7.98 -18.22
C LEU A 209 1.52 -6.91 -17.16
N ALA A 210 2.46 -7.11 -16.24
CA ALA A 210 2.81 -6.04 -15.33
C ALA A 210 3.36 -4.83 -16.07
N ALA A 211 3.76 -4.98 -17.33
CA ALA A 211 4.34 -3.89 -18.08
C ALA A 211 3.32 -2.90 -18.60
N VAL A 212 2.05 -3.29 -18.76
CA VAL A 212 1.04 -2.33 -19.22
C VAL A 212 0.84 -1.18 -18.23
N PRO A 213 0.70 -1.43 -16.92
CA PRO A 213 0.51 -0.29 -16.02
C PRO A 213 1.72 0.61 -15.97
N ALA A 214 2.92 0.05 -16.08
CA ALA A 214 4.13 0.86 -16.05
C ALA A 214 4.16 1.82 -17.23
N VAL A 215 3.96 1.30 -18.46
CA VAL A 215 3.91 2.19 -19.62
C VAL A 215 2.88 3.28 -19.42
N VAL A 216 1.73 2.94 -18.86
CA VAL A 216 0.69 3.93 -18.61
C VAL A 216 1.18 4.96 -17.62
N MET A 217 1.77 4.51 -16.51
CA MET A 217 2.34 5.44 -15.54
C MET A 217 3.41 6.29 -16.20
N VAL A 218 4.31 5.67 -16.97
CA VAL A 218 5.43 6.43 -17.52
C VAL A 218 4.92 7.50 -18.47
N ILE A 219 4.14 7.10 -19.47
CA ILE A 219 3.60 8.07 -20.41
C ILE A 219 2.83 9.15 -19.67
N GLY A 220 1.99 8.75 -18.73
CA GLY A 220 1.25 9.72 -17.93
C GLY A 220 2.16 10.75 -17.28
N SER A 221 3.24 10.29 -16.65
CA SER A 221 4.17 11.21 -15.99
C SER A 221 4.72 12.26 -16.95
N PHE A 222 4.77 11.99 -18.25
CA PHE A 222 5.17 13.03 -19.19
C PHE A 222 4.14 14.15 -19.22
N ILE A 223 2.85 13.83 -19.07
CA ILE A 223 1.81 14.83 -19.24
C ILE A 223 1.43 15.53 -17.93
N LEU A 224 1.68 14.94 -16.77
CA LEU A 224 1.23 15.56 -15.53
C LEU A 224 2.04 16.81 -15.27
N PRO A 225 1.42 17.83 -14.67
CA PRO A 225 2.19 18.92 -14.09
C PRO A 225 2.76 18.48 -12.75
N ASP A 226 3.75 19.22 -12.28
CA ASP A 226 4.20 18.95 -10.92
C ASP A 226 3.44 19.86 -9.96
N THR A 227 3.57 19.57 -8.66
CA THR A 227 2.80 20.29 -7.66
C THR A 227 3.35 21.71 -7.51
N PRO A 228 2.49 22.72 -7.34
CA PRO A 228 3.01 24.07 -7.04
C PRO A 228 3.83 24.10 -5.76
N ASN A 229 3.56 23.17 -4.84
CA ASN A 229 4.34 23.10 -3.60
C ASN A 229 5.82 22.83 -3.91
N SER A 230 6.09 21.85 -4.76
CA SER A 230 7.47 21.57 -5.13
C SER A 230 8.01 22.63 -6.08
N MET A 231 7.16 23.15 -6.96
CA MET A 231 7.60 24.17 -7.90
C MET A 231 8.07 25.41 -7.16
N LEU A 232 7.25 25.87 -6.21
CA LEU A 232 7.64 27.03 -5.42
C LEU A 232 8.85 26.72 -4.55
N GLU A 233 8.92 25.49 -4.03
CA GLU A 233 10.03 25.16 -3.14
C GLU A 233 11.35 25.04 -3.89
N ARG A 234 11.34 24.70 -5.18
CA ARG A 234 12.59 24.64 -5.94
C ARG A 234 12.70 25.77 -6.95
N GLY A 235 12.20 26.95 -6.59
CA GLY A 235 12.56 28.18 -7.25
C GLY A 235 11.59 28.68 -8.30
N LYS A 236 10.79 27.80 -8.91
CA LYS A 236 9.91 28.19 -10.02
C LYS A 236 8.67 28.90 -9.47
N ASN A 237 8.79 30.23 -9.27
CA ASN A 237 7.80 31.00 -8.55
C ASN A 237 6.55 31.31 -9.39
N GLU A 238 6.71 32.15 -10.42
CA GLU A 238 5.57 32.45 -11.29
C GLU A 238 5.01 31.18 -11.89
N GLU A 239 5.84 30.16 -12.10
CA GLU A 239 5.34 28.89 -12.59
C GLU A 239 4.49 28.20 -11.53
N ALA A 240 4.83 28.38 -10.26
CA ALA A 240 4.02 27.82 -9.18
C ALA A 240 2.66 28.48 -9.09
N LYS A 241 2.61 29.81 -9.20
CA LYS A 241 1.32 30.47 -9.05
C LYS A 241 0.43 30.22 -10.26
N GLN A 242 1.01 30.14 -11.46
CA GLN A 242 0.20 29.79 -12.62
C GLN A 242 -0.44 28.41 -12.44
N MET A 243 0.36 27.44 -11.98
CA MET A 243 -0.15 26.08 -11.76
C MET A 243 -1.20 26.05 -10.66
N LEU A 244 -1.03 26.84 -9.60
CA LEU A 244 -2.06 26.93 -8.58
C LEU A 244 -3.35 27.50 -9.17
N LYS A 245 -3.24 28.57 -9.96
CA LYS A 245 -4.43 29.15 -10.57
C LYS A 245 -5.09 28.18 -11.54
N LYS A 246 -4.31 27.29 -12.16
CA LYS A 246 -4.86 26.34 -13.10
C LYS A 246 -5.66 25.25 -12.40
N ILE A 247 -5.10 24.63 -11.36
CA ILE A 247 -5.78 23.50 -10.74
C ILE A 247 -6.96 23.99 -9.90
N ARG A 248 -6.81 25.13 -9.22
CA ARG A 248 -7.91 25.71 -8.45
C ARG A 248 -8.94 26.39 -9.34
N GLY A 249 -8.61 26.65 -10.59
CA GLY A 249 -9.53 27.27 -11.53
C GLY A 249 -9.89 28.70 -11.22
N ALA A 250 -9.20 29.35 -10.31
CA ALA A 250 -9.53 30.71 -9.91
C ALA A 250 -8.32 31.60 -10.12
N ASP A 251 -8.59 32.91 -10.10
CA ASP A 251 -7.52 33.89 -10.18
C ASP A 251 -7.11 34.44 -8.82
N ASN A 252 -7.98 34.36 -7.82
CA ASN A 252 -7.64 34.81 -6.47
C ASN A 252 -7.15 33.62 -5.64
N VAL A 253 -5.97 33.12 -6.03
CA VAL A 253 -5.32 32.10 -5.23
C VAL A 253 -4.32 32.69 -4.24
N ASP A 254 -4.24 34.02 -4.15
CA ASP A 254 -3.33 34.69 -3.21
C ASP A 254 -3.38 34.06 -1.82
N HIS A 255 -4.59 33.80 -1.31
CA HIS A 255 -4.78 33.20 0.01
C HIS A 255 -3.97 31.92 0.19
N GLU A 256 -4.31 30.87 -0.55
CA GLU A 256 -3.56 29.64 -0.35
C GLU A 256 -2.17 29.73 -0.97
N PHE A 257 -1.94 30.65 -1.90
CA PHE A 257 -0.57 30.87 -2.33
C PHE A 257 0.27 31.43 -1.20
N GLN A 258 -0.34 32.18 -0.28
CA GLN A 258 0.39 32.64 0.90
C GLN A 258 0.79 31.49 1.82
N ASP A 259 -0.10 30.51 2.01
CA ASP A 259 0.29 29.29 2.71
C ASP A 259 1.48 28.65 2.05
N LEU A 260 1.52 28.67 0.72
CA LEU A 260 2.65 28.06 0.06
C LEU A 260 3.90 28.91 0.30
N ILE A 261 3.77 30.22 0.13
CA ILE A 261 4.86 31.15 0.42
C ILE A 261 5.35 30.94 1.85
N ASP A 262 4.40 30.85 2.80
CA ASP A 262 4.76 30.67 4.19
C ASP A 262 5.57 29.40 4.39
N ALA A 263 5.11 28.29 3.79
CA ALA A 263 5.74 27.00 4.02
C ALA A 263 7.09 26.92 3.32
N VAL A 264 7.19 27.42 2.09
CA VAL A 264 8.47 27.40 1.39
C VAL A 264 9.49 28.28 2.13
N GLU A 265 9.02 29.34 2.79
CA GLU A 265 9.90 30.16 3.62
C GLU A 265 10.58 29.32 4.69
N ALA A 266 9.81 28.52 5.43
CA ALA A 266 10.41 27.61 6.40
C ALA A 266 11.18 26.48 5.71
N ALA A 267 10.57 25.85 4.71
CA ALA A 267 11.20 24.68 4.07
C ALA A 267 12.50 25.02 3.36
N LYS A 268 12.62 26.25 2.86
CA LYS A 268 13.86 26.55 2.15
C LYS A 268 15.00 26.90 3.11
N LYS A 269 14.75 26.92 4.42
CA LYS A 269 15.84 26.97 5.38
C LYS A 269 16.41 25.60 5.71
N VAL A 270 15.74 24.52 5.29
CA VAL A 270 16.16 23.15 5.59
C VAL A 270 16.76 22.53 4.33
N GLU A 271 17.97 22.01 4.45
CA GLU A 271 18.53 21.08 3.48
C GLU A 271 19.00 19.85 4.23
N ASN A 272 18.87 18.71 3.58
CA ASN A 272 18.92 17.40 4.22
C ASN A 272 17.84 17.35 5.30
N PRO A 273 16.59 17.10 4.92
CA PRO A 273 15.53 16.92 5.92
C PRO A 273 15.82 15.82 6.91
N TRP A 274 16.66 14.85 6.58
CA TRP A 274 16.99 13.78 7.51
C TRP A 274 17.85 14.29 8.66
N LYS A 275 18.53 15.42 8.50
CA LYS A 275 19.27 16.01 9.61
C LYS A 275 18.34 16.53 10.70
N ASN A 276 17.25 17.20 10.33
CA ASN A 276 16.36 17.85 11.28
C ASN A 276 15.14 17.01 11.61
N ILE A 277 15.06 15.78 11.10
CA ILE A 277 13.84 14.98 11.16
C ILE A 277 13.42 14.74 12.60
N MET A 278 14.39 14.59 13.50
CA MET A 278 14.14 14.27 14.90
C MET A 278 13.98 15.51 15.78
N GLU A 279 13.74 16.69 15.19
CA GLU A 279 13.50 17.87 16.01
C GLU A 279 12.08 17.83 16.56
N SER A 280 11.88 18.54 17.67
CA SER A 280 10.63 18.41 18.42
C SER A 280 9.41 18.76 17.57
N LYS A 281 9.54 19.78 16.71
CA LYS A 281 8.36 20.21 15.99
C LYS A 281 7.89 19.20 14.96
N TYR A 282 8.67 18.15 14.69
CA TYR A 282 8.32 17.11 13.72
C TYR A 282 7.94 15.79 14.36
N ARG A 283 8.10 15.67 15.68
CA ARG A 283 7.81 14.45 16.43
C ARG A 283 6.46 13.82 16.08
N PRO A 284 5.32 14.54 16.12
CA PRO A 284 4.06 13.90 15.71
C PRO A 284 4.12 13.26 14.33
N ALA A 285 4.55 14.01 13.32
CA ALA A 285 4.64 13.46 11.97
C ALA A 285 5.60 12.29 11.94
N LEU A 286 6.74 12.41 12.63
CA LEU A 286 7.71 11.32 12.64
C LEU A 286 7.13 10.05 13.27
N ILE A 287 6.44 10.18 14.40
CA ILE A 287 5.87 9.03 15.09
C ILE A 287 4.86 8.34 14.18
N PHE A 288 3.98 9.12 13.56
CA PHE A 288 2.92 8.52 12.77
C PHE A 288 3.42 8.01 11.41
N CYS A 289 4.42 8.65 10.84
CA CYS A 289 5.02 8.12 9.61
C CYS A 289 5.68 6.76 9.84
N SER A 290 5.95 6.39 11.10
CA SER A 290 6.53 5.10 11.47
C SER A 290 5.50 4.09 11.99
N ALA A 291 4.54 4.52 12.82
CA ALA A 291 3.62 3.57 13.41
C ALA A 291 2.51 3.18 12.45
N ILE A 292 2.00 4.13 11.66
CA ILE A 292 0.93 3.81 10.70
C ILE A 292 1.33 2.71 9.73
N PRO A 293 2.51 2.71 9.11
CA PRO A 293 2.88 1.55 8.25
C PRO A 293 2.97 0.24 9.03
N PHE A 294 3.61 0.28 10.19
CA PHE A 294 3.75 -0.92 11.01
C PHE A 294 2.38 -1.47 11.39
N PHE A 295 1.47 -0.58 11.83
CA PHE A 295 0.15 -1.04 12.20
C PHE A 295 -0.59 -1.61 11.01
N GLN A 296 -0.45 -0.99 9.83
CA GLN A 296 -1.18 -1.47 8.65
C GLN A 296 -0.88 -2.93 8.34
N GLN A 297 0.31 -3.39 8.70
CA GLN A 297 0.76 -4.73 8.38
C GLN A 297 0.46 -5.71 9.50
N ILE A 298 0.63 -5.30 10.77
CA ILE A 298 0.35 -6.13 11.95
C ILE A 298 -1.13 -6.28 12.23
N THR A 299 -1.96 -5.56 11.47
CA THR A 299 -3.29 -6.02 11.10
C THR A 299 -3.32 -7.48 10.63
N GLY A 300 -2.28 -7.94 9.93
CA GLY A 300 -2.25 -9.28 9.36
C GLY A 300 -2.86 -9.41 7.99
N ILE A 301 -3.20 -8.29 7.35
CA ILE A 301 -3.93 -8.29 6.08
C ILE A 301 -3.28 -9.21 5.05
N ASN A 302 -1.94 -9.27 5.01
CA ASN A 302 -1.24 -10.06 4.00
C ASN A 302 -0.98 -11.48 4.44
N VAL A 303 -1.24 -11.79 5.72
CA VAL A 303 -1.40 -13.18 6.12
C VAL A 303 -2.83 -13.64 5.90
N ILE A 304 -3.78 -12.85 6.41
CA ILE A 304 -5.16 -13.32 6.45
C ILE A 304 -5.72 -13.46 5.05
N MET A 305 -5.24 -12.64 4.10
CA MET A 305 -5.75 -12.72 2.73
C MET A 305 -5.44 -14.04 2.02
N PHE A 306 -4.56 -14.87 2.58
CA PHE A 306 -4.22 -16.16 2.02
C PHE A 306 -4.61 -17.35 2.90
N TYR A 307 -5.29 -17.11 4.02
CA TYR A 307 -5.76 -18.22 4.85
C TYR A 307 -6.73 -19.10 4.08
N ALA A 308 -7.73 -18.47 3.44
CA ALA A 308 -8.74 -19.24 2.72
C ALA A 308 -8.20 -20.04 1.54
N PRO A 309 -7.34 -19.50 0.66
CA PRO A 309 -6.85 -20.35 -0.45
C PRO A 309 -5.97 -21.49 0.00
N VAL A 310 -5.15 -21.29 1.04
CA VAL A 310 -4.39 -22.41 1.59
C VAL A 310 -5.33 -23.45 2.18
N LEU A 311 -6.28 -23.00 2.99
CA LEU A 311 -7.24 -23.91 3.60
C LEU A 311 -7.98 -24.70 2.54
N PHE A 312 -8.59 -24.00 1.59
CA PHE A 312 -9.35 -24.66 0.52
C PHE A 312 -8.52 -25.74 -0.16
N LYS A 313 -7.28 -25.41 -0.53
CA LYS A 313 -6.43 -26.38 -1.21
C LYS A 313 -6.08 -27.56 -0.30
N THR A 314 -5.78 -27.29 0.96
CA THR A 314 -5.38 -28.37 1.88
C THR A 314 -6.47 -29.43 2.00
N LEU A 315 -7.74 -29.02 1.97
CA LEU A 315 -8.84 -29.89 2.32
C LEU A 315 -9.50 -30.54 1.10
N GLY A 316 -8.73 -30.78 0.04
CA GLY A 316 -9.34 -31.18 -1.22
C GLY A 316 -9.69 -29.90 -1.92
N PHE A 317 -10.83 -29.82 -2.60
CA PHE A 317 -11.26 -28.57 -3.22
C PHE A 317 -10.37 -28.16 -4.39
N GLY A 318 -10.96 -27.41 -5.33
CA GLY A 318 -10.21 -27.05 -6.51
C GLY A 318 -8.94 -26.27 -6.18
N ASP A 319 -7.86 -26.64 -6.86
CA ASP A 319 -6.82 -25.68 -7.21
C ASP A 319 -7.46 -24.41 -7.75
N ASP A 320 -8.44 -24.56 -8.65
CA ASP A 320 -9.25 -23.42 -9.08
C ASP A 320 -9.96 -22.77 -7.88
N ALA A 321 -10.55 -23.57 -6.99
CA ALA A 321 -11.31 -23.02 -5.87
C ALA A 321 -10.47 -22.04 -5.06
N ALA A 322 -9.20 -22.37 -4.81
CA ALA A 322 -8.32 -21.47 -4.09
C ALA A 322 -8.14 -20.15 -4.83
N LEU A 323 -7.86 -20.22 -6.14
CA LEU A 323 -7.74 -19.00 -6.93
C LEU A 323 -9.07 -18.27 -7.00
N MET A 324 -10.18 -19.01 -7.06
CA MET A 324 -11.49 -18.38 -7.11
C MET A 324 -11.75 -17.55 -5.85
N SER A 325 -11.21 -17.98 -4.70
CA SER A 325 -11.47 -17.22 -3.49
C SER A 325 -10.53 -16.03 -3.38
N ALA A 326 -9.37 -16.07 -4.06
CA ALA A 326 -8.57 -14.85 -4.17
C ALA A 326 -9.31 -13.81 -5.01
N VAL A 327 -10.06 -14.24 -6.01
CA VAL A 327 -10.82 -13.28 -6.78
C VAL A 327 -11.93 -12.68 -5.93
N ILE A 328 -12.71 -13.53 -5.25
CA ILE A 328 -13.82 -13.05 -4.43
C ILE A 328 -13.34 -12.03 -3.40
N THR A 329 -12.28 -12.37 -2.67
CA THR A 329 -11.66 -11.44 -1.74
C THR A 329 -11.20 -10.16 -2.44
N GLY A 330 -10.56 -10.30 -3.60
CA GLY A 330 -10.11 -9.13 -4.33
C GLY A 330 -11.25 -8.27 -4.85
N VAL A 331 -12.37 -8.89 -5.20
CA VAL A 331 -13.55 -8.12 -5.57
C VAL A 331 -14.08 -7.37 -4.35
N VAL A 332 -13.99 -8.00 -3.19
CA VAL A 332 -14.47 -7.38 -1.97
C VAL A 332 -13.49 -6.33 -1.49
N ASN A 333 -12.20 -6.56 -1.76
CA ASN A 333 -11.15 -5.67 -1.30
C ASN A 333 -11.16 -4.37 -2.10
N MET A 334 -11.24 -4.47 -3.42
CA MET A 334 -11.73 -3.33 -4.14
C MET A 334 -13.21 -3.17 -3.78
N LEU A 335 -13.84 -2.10 -4.24
CA LEU A 335 -15.27 -1.92 -3.98
C LEU A 335 -15.52 -1.43 -2.57
N SER A 336 -15.02 -2.16 -1.56
CA SER A 336 -15.03 -1.68 -0.18
C SER A 336 -14.32 -0.32 -0.08
N THR A 337 -13.22 -0.19 -0.80
CA THR A 337 -12.50 1.05 -1.01
C THR A 337 -13.46 2.21 -1.26
N PHE A 338 -14.56 1.99 -2.00
CA PHE A 338 -15.46 3.09 -2.28
C PHE A 338 -15.99 3.72 -1.00
N VAL A 339 -16.19 2.90 0.05
CA VAL A 339 -16.70 3.40 1.32
C VAL A 339 -15.79 4.49 1.87
N SER A 340 -14.49 4.21 1.92
CA SER A 340 -13.55 5.21 2.43
C SER A 340 -13.58 6.46 1.57
N ILE A 341 -13.75 6.29 0.26
CA ILE A 341 -13.67 7.43 -0.66
C ILE A 341 -14.82 8.39 -0.41
N TYR A 342 -16.02 7.85 -0.16
CA TYR A 342 -17.18 8.68 0.16
C TYR A 342 -17.13 9.26 1.57
N ALA A 343 -16.50 8.56 2.52
CA ALA A 343 -16.61 8.94 3.92
C ALA A 343 -15.51 9.87 4.37
N VAL A 344 -14.33 9.81 3.74
CA VAL A 344 -13.10 10.30 4.36
C VAL A 344 -13.10 11.82 4.55
N ASP A 345 -13.74 12.56 3.64
CA ASP A 345 -13.73 14.00 3.76
C ASP A 345 -15.03 14.55 4.29
N ARG A 346 -16.12 13.79 4.19
CA ARG A 346 -17.38 14.24 4.74
C ARG A 346 -17.48 14.02 6.25
N TYR A 347 -16.86 12.95 6.76
CA TYR A 347 -16.94 12.58 8.17
C TYR A 347 -15.58 12.26 8.81
N GLY A 348 -14.54 12.01 8.03
CA GLY A 348 -13.19 12.06 8.55
C GLY A 348 -12.46 10.74 8.53
N ARG A 349 -11.21 10.83 8.98
CA ARG A 349 -10.26 9.73 9.09
C ARG A 349 -10.48 8.93 10.36
N ARG A 350 -10.84 9.61 11.45
CA ARG A 350 -11.06 8.91 12.72
C ARG A 350 -12.20 7.91 12.61
N LEU A 351 -13.30 8.30 11.95
CA LEU A 351 -14.42 7.38 11.83
C LEU A 351 -13.97 6.07 11.19
N LEU A 352 -13.32 6.18 10.04
CA LEU A 352 -12.90 4.99 9.31
C LEU A 352 -11.91 4.16 10.12
N PHE A 353 -11.00 4.82 10.83
CA PHE A 353 -10.04 4.09 11.67
C PHE A 353 -10.74 3.31 12.79
N LEU A 354 -11.75 3.91 13.42
CA LEU A 354 -12.37 3.24 14.56
C LEU A 354 -13.33 2.14 14.11
N GLU A 355 -14.27 2.47 13.23
CA GLU A 355 -15.19 1.48 12.68
C GLU A 355 -14.42 0.34 12.01
N GLY A 356 -13.46 0.68 11.14
CA GLY A 356 -12.69 -0.34 10.45
C GLY A 356 -11.99 -1.29 11.41
N GLY A 357 -11.42 -0.74 12.48
CA GLY A 357 -10.73 -1.58 13.44
C GLY A 357 -11.67 -2.44 14.26
N ILE A 358 -12.85 -1.91 14.63
CA ILE A 358 -13.83 -2.69 15.38
C ILE A 358 -14.33 -3.85 14.54
N GLN A 359 -14.81 -3.54 13.33
CA GLN A 359 -15.17 -4.56 12.36
C GLN A 359 -14.07 -5.60 12.19
N MET A 360 -12.83 -5.16 11.96
CA MET A 360 -11.75 -6.12 11.75
C MET A 360 -11.48 -6.92 13.01
N PHE A 361 -11.63 -6.27 14.18
CA PHE A 361 -11.46 -6.96 15.44
C PHE A 361 -12.46 -8.09 15.58
N ILE A 362 -13.72 -7.82 15.20
CA ILE A 362 -14.80 -8.76 15.45
C ILE A 362 -14.74 -9.94 14.49
N CYS A 363 -14.46 -9.68 13.21
CA CYS A 363 -14.32 -10.79 12.28
C CYS A 363 -13.16 -11.69 12.67
N GLN A 364 -12.08 -11.12 13.21
CA GLN A 364 -10.96 -11.97 13.61
C GLN A 364 -11.35 -12.90 14.75
N LEU A 365 -12.14 -12.40 15.71
CA LEU A 365 -12.63 -13.26 16.80
C LEU A 365 -13.65 -14.26 16.29
N LEU A 366 -14.50 -13.85 15.35
CA LEU A 366 -15.50 -14.74 14.78
C LEU A 366 -14.85 -15.90 14.04
N VAL A 367 -13.86 -15.60 13.20
CA VAL A 367 -13.28 -16.65 12.38
C VAL A 367 -12.31 -17.49 13.21
N GLY A 368 -11.52 -16.85 14.08
CA GLY A 368 -10.66 -17.62 14.96
C GLY A 368 -11.43 -18.64 15.78
N SER A 369 -12.57 -18.24 16.36
CA SER A 369 -13.30 -19.17 17.21
C SER A 369 -14.15 -20.16 16.39
N PHE A 370 -14.69 -19.72 15.25
CA PHE A 370 -15.42 -20.59 14.34
C PHE A 370 -14.57 -21.78 13.90
N ILE A 371 -13.39 -21.50 13.34
CA ILE A 371 -12.44 -22.57 13.03
C ILE A 371 -12.14 -23.37 14.28
N GLY A 372 -11.83 -22.69 15.38
CA GLY A 372 -11.44 -23.40 16.60
C GLY A 372 -12.54 -24.30 17.12
N ALA A 373 -13.79 -23.96 16.83
CA ALA A 373 -14.90 -24.82 17.23
C ALA A 373 -15.02 -26.00 16.28
N ARG A 374 -15.30 -25.72 15.01
CA ARG A 374 -15.65 -26.75 14.05
C ARG A 374 -14.62 -27.86 13.99
N PHE A 375 -13.33 -27.51 14.04
CA PHE A 375 -12.25 -28.47 13.85
C PHE A 375 -11.51 -28.78 15.15
N GLY A 376 -12.18 -28.63 16.29
CA GLY A 376 -11.56 -28.89 17.57
C GLY A 376 -12.50 -29.16 18.72
N THR A 377 -12.64 -30.44 19.10
CA THR A 377 -13.30 -30.85 20.32
C THR A 377 -12.77 -32.21 20.74
N SER A 378 -13.01 -33.22 19.90
CA SER A 378 -12.37 -34.52 19.99
C SER A 378 -11.81 -34.87 18.61
N GLY A 379 -10.52 -35.15 18.56
CA GLY A 379 -9.86 -35.35 17.28
C GLY A 379 -9.71 -34.04 16.52
N THR A 380 -9.28 -34.17 15.26
CA THR A 380 -9.17 -33.03 14.37
C THR A 380 -9.32 -33.50 12.93
N GLY A 381 -10.04 -32.73 12.13
CA GLY A 381 -10.32 -33.10 10.76
C GLY A 381 -11.78 -33.33 10.46
N THR A 382 -12.50 -32.24 10.16
CA THR A 382 -13.90 -32.31 9.74
C THR A 382 -14.11 -31.36 8.57
N LEU A 383 -13.39 -31.63 7.48
CA LEU A 383 -13.56 -31.03 6.15
C LEU A 383 -15.03 -30.65 5.87
N THR A 384 -15.29 -29.43 5.39
CA THR A 384 -16.67 -29.13 5.02
C THR A 384 -16.83 -27.98 4.04
N PRO A 385 -17.58 -28.19 2.95
CA PRO A 385 -17.84 -27.07 2.01
C PRO A 385 -18.50 -25.87 2.66
N ALA A 386 -19.64 -26.08 3.35
CA ALA A 386 -20.35 -24.97 3.96
C ALA A 386 -19.51 -24.28 5.02
N THR A 387 -18.71 -25.05 5.78
CA THR A 387 -17.78 -24.46 6.74
C THR A 387 -16.70 -23.62 6.05
N ALA A 388 -16.25 -24.05 4.87
CA ALA A 388 -15.25 -23.30 4.14
C ALA A 388 -15.80 -21.96 3.65
N ASP A 389 -17.08 -21.92 3.24
CA ASP A 389 -17.62 -20.68 2.73
C ASP A 389 -17.89 -19.66 3.83
N TRP A 390 -18.14 -20.12 5.06
CA TRP A 390 -18.39 -19.17 6.14
C TRP A 390 -17.10 -18.56 6.63
N ILE A 391 -15.98 -19.30 6.55
CA ILE A 391 -14.70 -18.70 6.86
C ILE A 391 -14.33 -17.66 5.80
N LEU A 392 -14.70 -17.90 4.55
CA LEU A 392 -14.37 -16.92 3.52
C LEU A 392 -15.24 -15.68 3.67
N ALA A 393 -16.51 -15.86 4.04
CA ALA A 393 -17.37 -14.71 4.30
C ALA A 393 -16.84 -13.88 5.47
N PHE A 394 -16.37 -14.56 6.52
CA PHE A 394 -15.84 -13.84 7.68
C PHE A 394 -14.56 -13.10 7.33
N ILE A 395 -13.68 -13.73 6.54
CA ILE A 395 -12.47 -13.04 6.11
C ILE A 395 -12.81 -11.86 5.23
N CYS A 396 -13.82 -12.02 4.36
CA CYS A 396 -14.20 -10.95 3.45
C CYS A 396 -14.73 -9.73 4.19
N VAL A 397 -15.43 -9.95 5.29
CA VAL A 397 -15.87 -8.79 6.04
C VAL A 397 -14.69 -8.14 6.75
N TYR A 398 -13.72 -8.94 7.19
CA TYR A 398 -12.49 -8.42 7.76
C TYR A 398 -11.70 -7.68 6.71
N VAL A 399 -11.66 -8.20 5.49
CA VAL A 399 -10.93 -7.51 4.45
C VAL A 399 -11.66 -6.24 4.09
N ALA A 400 -12.99 -6.23 4.19
CA ALA A 400 -13.72 -5.00 3.89
C ALA A 400 -13.39 -3.91 4.92
N GLY A 401 -13.34 -4.28 6.19
CA GLY A 401 -13.00 -3.32 7.22
C GLY A 401 -11.59 -2.78 7.05
N PHE A 402 -10.66 -3.64 6.64
CA PHE A 402 -9.34 -3.14 6.28
C PHE A 402 -9.44 -2.20 5.08
N ALA A 403 -10.24 -2.60 4.08
CA ALA A 403 -10.23 -1.87 2.81
C ALA A 403 -10.77 -0.44 2.91
N TRP A 404 -11.53 -0.10 3.94
CA TRP A 404 -11.93 1.30 4.09
C TRP A 404 -11.36 1.96 5.34
N SER A 405 -10.41 1.32 6.02
CA SER A 405 -9.67 1.97 7.09
C SER A 405 -8.19 1.89 6.76
N TRP A 406 -7.44 0.99 7.38
CA TRP A 406 -5.98 0.99 7.31
C TRP A 406 -5.43 0.83 5.90
N GLY A 407 -6.21 0.31 4.98
CA GLY A 407 -5.73 0.20 3.63
C GLY A 407 -5.43 1.55 3.04
N PRO A 408 -6.49 2.26 2.66
CA PRO A 408 -6.31 3.61 2.11
C PRO A 408 -5.71 4.60 3.11
N LEU A 409 -6.19 4.62 4.35
CA LEU A 409 -5.65 5.58 5.31
C LEU A 409 -4.15 5.36 5.53
N GLY A 410 -3.64 4.19 5.19
CA GLY A 410 -2.22 3.91 5.27
C GLY A 410 -1.37 4.64 4.25
N TRP A 411 -1.97 5.19 3.19
CA TRP A 411 -1.24 5.98 2.24
C TRP A 411 -1.70 7.44 2.19
N LEU A 412 -2.79 7.78 2.88
CA LEU A 412 -3.27 9.15 3.00
C LEU A 412 -2.59 9.90 4.15
N VAL A 413 -2.58 9.32 5.34
CA VAL A 413 -2.35 10.09 6.54
C VAL A 413 -0.89 10.52 6.66
N PRO A 414 0.10 9.64 6.41
CA PRO A 414 1.48 10.12 6.45
C PRO A 414 1.78 11.25 5.47
N SER A 415 1.16 11.21 4.28
CA SER A 415 1.38 12.25 3.28
C SER A 415 0.82 13.61 3.70
N GLU A 416 -0.18 13.64 4.59
CA GLU A 416 -0.87 14.89 4.91
C GLU A 416 -0.51 15.47 6.28
N ILE A 417 0.40 14.84 7.01
CA ILE A 417 0.78 15.35 8.32
C ILE A 417 2.20 15.90 8.36
N CYS A 418 2.88 16.03 7.22
CA CYS A 418 4.30 16.39 7.24
C CYS A 418 4.50 17.80 6.74
N PRO A 419 5.14 18.70 7.51
CA PRO A 419 5.52 20.01 6.94
C PRO A 419 6.35 19.82 5.69
N LEU A 420 6.25 20.79 4.77
CA LEU A 420 6.79 20.66 3.42
C LEU A 420 8.21 20.11 3.40
N GLU A 421 9.08 20.64 4.25
CA GLU A 421 10.52 20.33 4.14
C GLU A 421 10.82 18.86 4.38
N ILE A 422 9.95 18.16 5.10
CA ILE A 422 10.16 16.76 5.42
C ILE A 422 9.03 15.88 4.91
N ARG A 423 8.13 16.44 4.09
CA ARG A 423 7.08 15.61 3.49
C ARG A 423 7.67 14.46 2.68
N PRO A 424 8.54 14.67 1.70
CA PRO A 424 9.06 13.51 0.96
C PRO A 424 9.82 12.54 1.84
N ALA A 425 10.62 13.06 2.78
CA ALA A 425 11.30 12.19 3.73
C ALA A 425 10.31 11.43 4.60
N GLY A 426 9.15 12.03 4.90
CA GLY A 426 8.18 11.36 5.76
C GLY A 426 7.47 10.24 5.03
N GLN A 427 7.18 10.47 3.75
CA GLN A 427 6.62 9.42 2.90
C GLN A 427 7.62 8.29 2.67
N ALA A 428 8.92 8.60 2.68
CA ALA A 428 9.91 7.54 2.52
C ALA A 428 10.00 6.70 3.78
N ILE A 429 9.95 7.31 4.97
CA ILE A 429 9.79 6.54 6.20
C ILE A 429 8.55 5.65 6.12
N ASN A 430 7.49 6.14 5.49
CA ASN A 430 6.27 5.34 5.39
C ASN A 430 6.49 4.13 4.49
N VAL A 431 7.10 4.34 3.32
CA VAL A 431 7.32 3.22 2.42
C VAL A 431 8.31 2.22 3.01
N SER A 432 9.39 2.73 3.58
CA SER A 432 10.42 1.80 4.04
C SER A 432 9.95 0.98 5.24
N VAL A 433 9.25 1.61 6.19
CA VAL A 433 8.75 0.84 7.32
C VAL A 433 7.74 -0.19 6.83
N ASN A 434 6.92 0.19 5.87
CA ASN A 434 5.88 -0.68 5.37
C ASN A 434 6.47 -1.91 4.66
N MET A 435 7.42 -1.69 3.73
CA MET A 435 8.03 -2.83 3.03
C MET A 435 8.80 -3.71 4.00
N PHE A 436 9.51 -3.11 4.95
CA PHE A 436 10.19 -3.93 5.94
C PHE A 436 9.23 -4.85 6.67
N PHE A 437 8.03 -4.35 7.01
CA PHE A 437 7.13 -5.14 7.84
C PHE A 437 6.21 -6.02 7.02
N THR A 438 5.80 -5.54 5.83
CA THR A 438 5.22 -6.44 4.85
C THR A 438 6.03 -7.71 4.75
N PHE A 439 7.34 -7.59 4.50
CA PHE A 439 8.12 -8.81 4.36
C PHE A 439 8.21 -9.56 5.68
N LEU A 440 8.48 -8.84 6.76
CA LEU A 440 8.79 -9.47 8.03
C LEU A 440 7.58 -10.20 8.59
N ILE A 441 6.41 -9.56 8.57
CA ILE A 441 5.24 -10.17 9.19
C ILE A 441 4.76 -11.35 8.36
N GLY A 442 4.68 -11.16 7.04
CA GLY A 442 4.24 -12.19 6.11
C GLY A 442 5.18 -13.38 5.99
N GLN A 443 6.46 -13.20 6.31
CA GLN A 443 7.37 -14.35 6.32
C GLN A 443 7.37 -15.05 7.67
N PHE A 444 7.24 -14.29 8.75
CA PHE A 444 7.17 -14.88 10.07
C PHE A 444 5.91 -15.72 10.22
N PHE A 445 4.79 -15.22 9.75
CA PHE A 445 3.55 -15.96 9.87
C PHE A 445 3.34 -16.97 8.75
N LEU A 446 4.35 -17.18 7.90
CA LEU A 446 4.17 -18.10 6.78
C LEU A 446 3.90 -19.52 7.26
N THR A 447 4.61 -19.99 8.29
CA THR A 447 4.45 -21.37 8.77
C THR A 447 3.05 -21.61 9.32
N MET A 448 2.58 -20.72 10.20
CA MET A 448 1.26 -20.82 10.83
C MET A 448 0.14 -20.75 9.80
N LEU A 449 0.25 -19.83 8.85
CA LEU A 449 -0.71 -19.75 7.77
C LEU A 449 -0.78 -21.07 7.01
N CYS A 450 0.38 -21.70 6.81
CA CYS A 450 0.41 -22.90 5.99
C CYS A 450 -0.02 -24.13 6.78
N HIS A 451 0.33 -24.18 8.08
CA HIS A 451 -0.09 -25.26 8.96
C HIS A 451 -1.40 -24.94 9.67
N MET A 452 -2.18 -24.00 9.14
CA MET A 452 -3.56 -23.76 9.60
C MET A 452 -3.63 -23.48 11.09
N LYS A 453 -2.64 -22.78 11.62
CA LYS A 453 -2.70 -22.34 13.01
C LYS A 453 -3.70 -21.19 13.12
N PHE A 454 -4.95 -21.50 13.46
CA PHE A 454 -5.97 -20.45 13.53
C PHE A 454 -5.80 -19.52 14.73
N GLY A 455 -4.83 -19.78 15.62
CA GLY A 455 -4.48 -18.85 16.67
C GLY A 455 -4.03 -17.49 16.17
N LEU A 456 -3.57 -17.42 14.92
CA LEU A 456 -3.12 -16.14 14.39
C LEU A 456 -4.25 -15.13 14.30
N PHE A 457 -5.49 -15.59 14.17
CA PHE A 457 -6.57 -14.62 14.10
C PHE A 457 -6.75 -13.91 15.44
N TYR A 458 -6.50 -14.61 16.54
CA TYR A 458 -6.59 -14.00 17.87
C TYR A 458 -5.45 -13.03 18.11
N PHE A 459 -4.25 -13.38 17.65
CA PHE A 459 -3.11 -12.49 17.85
C PHE A 459 -3.32 -11.20 17.07
N PHE A 460 -3.71 -11.34 15.81
CA PHE A 460 -4.02 -10.17 15.01
C PHE A 460 -5.19 -9.39 15.58
N ALA A 461 -6.08 -10.03 16.34
CA ALA A 461 -7.17 -9.31 17.00
C ALA A 461 -6.64 -8.32 18.03
N SER A 462 -5.70 -8.76 18.87
CA SER A 462 -5.13 -7.88 19.89
C SER A 462 -4.36 -6.72 19.26
N MET A 463 -3.59 -6.97 18.20
CA MET A 463 -2.91 -5.88 17.50
C MET A 463 -3.91 -4.87 16.95
N VAL A 464 -5.01 -5.36 16.39
CA VAL A 464 -6.02 -4.44 15.90
C VAL A 464 -6.64 -3.68 17.06
N ALA A 465 -6.74 -4.32 18.23
CA ALA A 465 -7.24 -3.62 19.40
C ALA A 465 -6.25 -2.55 19.83
N ILE A 466 -4.98 -2.93 19.99
CA ILE A 466 -3.92 -1.98 20.32
C ILE A 466 -3.94 -0.79 19.37
N MET A 467 -3.90 -1.06 18.07
CA MET A 467 -3.74 0.02 17.10
C MET A 467 -4.97 0.93 17.06
N THR A 468 -6.15 0.38 17.29
CA THR A 468 -7.36 1.17 17.37
C THR A 468 -7.36 2.10 18.60
N VAL A 469 -6.74 1.66 19.68
CA VAL A 469 -6.67 2.50 20.87
C VAL A 469 -5.68 3.63 20.63
N PHE A 470 -4.46 3.27 20.22
CA PHE A 470 -3.49 4.23 19.70
C PHE A 470 -4.15 5.30 18.83
N ILE A 471 -4.85 4.88 17.78
CA ILE A 471 -5.48 5.86 16.89
C ILE A 471 -6.44 6.74 17.67
N TYR A 472 -7.27 6.12 18.51
CA TYR A 472 -8.31 6.85 19.20
C TYR A 472 -7.73 8.02 20.00
N PHE A 473 -6.66 7.78 20.72
CA PHE A 473 -6.19 8.81 21.62
C PHE A 473 -5.23 9.80 20.97
N LEU A 474 -4.49 9.38 19.94
CA LEU A 474 -3.34 10.14 19.48
C LEU A 474 -3.47 10.78 18.11
N LEU A 475 -4.42 10.36 17.28
CA LEU A 475 -4.50 10.93 15.94
C LEU A 475 -5.57 12.00 15.90
N PRO A 476 -5.21 13.28 15.74
CA PRO A 476 -6.23 14.32 15.56
C PRO A 476 -6.87 14.23 14.20
N GLU A 477 -8.05 14.83 14.07
CA GLU A 477 -8.73 14.86 12.79
C GLU A 477 -8.01 15.77 11.82
N THR A 478 -7.66 15.23 10.66
CA THR A 478 -6.90 15.95 9.66
C THR A 478 -7.71 16.28 8.41
N LYS A 479 -9.01 15.96 8.39
CA LYS A 479 -9.81 16.23 7.21
C LYS A 479 -10.05 17.73 7.04
N GLY A 480 -10.18 18.15 5.78
CA GLY A 480 -10.56 19.50 5.45
C GLY A 480 -9.49 20.57 5.60
N VAL A 481 -8.35 20.26 6.22
CA VAL A 481 -7.31 21.24 6.51
C VAL A 481 -6.34 21.35 5.34
N PRO A 482 -6.10 22.54 4.79
CA PRO A 482 -5.07 22.68 3.75
C PRO A 482 -3.72 22.16 4.23
N ILE A 483 -3.02 21.44 3.34
CA ILE A 483 -1.87 20.60 3.73
C ILE A 483 -0.84 21.36 4.54
N GLU A 484 -0.65 22.65 4.26
CA GLU A 484 0.44 23.38 4.90
C GLU A 484 0.02 24.00 6.21
N GLU A 485 -1.27 23.97 6.52
CA GLU A 485 -1.82 24.42 7.79
C GLU A 485 -1.94 23.31 8.82
N MET A 486 -1.38 22.12 8.54
CA MET A 486 -1.69 20.95 9.36
C MET A 486 -1.17 21.07 10.79
N GLY A 487 -0.25 21.99 11.06
CA GLY A 487 0.27 22.16 12.41
C GLY A 487 -0.73 22.72 13.40
N ARG A 488 -1.74 23.44 12.92
CA ARG A 488 -2.80 23.89 13.82
C ARG A 488 -3.54 22.70 14.40
N VAL A 489 -3.72 21.66 13.59
CA VAL A 489 -4.41 20.45 14.03
C VAL A 489 -3.66 19.80 15.18
N TRP A 490 -2.34 19.62 15.03
CA TRP A 490 -1.53 19.03 16.10
C TRP A 490 -1.58 19.90 17.35
N LYS A 491 -1.49 21.22 17.18
CA LYS A 491 -1.48 22.14 18.31
C LYS A 491 -2.80 22.11 19.06
N GLN A 492 -3.90 21.78 18.39
CA GLN A 492 -5.20 21.72 19.05
C GLN A 492 -5.49 20.34 19.65
N HIS A 493 -4.52 19.43 19.60
CA HIS A 493 -4.65 18.10 20.20
C HIS A 493 -4.00 18.12 21.58
N TRP A 494 -4.73 17.62 22.59
CA TRP A 494 -4.11 17.30 23.89
C TRP A 494 -2.84 16.50 23.58
N PHE A 495 -1.87 16.51 24.49
CA PHE A 495 -0.62 15.75 24.25
C PHE A 495 0.29 16.32 23.17
N TRP A 496 -0.08 16.24 21.88
CA TRP A 496 0.82 16.70 20.83
C TRP A 496 1.05 18.21 20.85
N LYS A 497 0.18 18.97 21.53
CA LYS A 497 0.26 20.42 21.44
C LYS A 497 1.57 20.98 22.01
N LYS A 498 2.22 20.24 22.90
CA LYS A 498 3.49 20.65 23.49
C LYS A 498 4.69 20.46 22.56
N TYR A 499 4.46 19.99 21.33
CA TYR A 499 5.56 19.81 20.38
C TYR A 499 5.65 20.91 19.34
N ILE A 500 4.55 21.62 19.06
CA ILE A 500 4.44 22.49 17.89
C ILE A 500 4.73 23.92 18.30
N PRO A 501 5.80 24.54 17.80
CA PRO A 501 6.04 25.95 18.10
C PRO A 501 5.07 26.83 17.33
N GLU A 502 4.88 28.03 17.86
CA GLU A 502 3.96 28.99 17.28
C GLU A 502 4.26 29.23 15.79
N ASP A 503 5.53 29.35 15.45
CA ASP A 503 5.91 29.67 14.08
C ASP A 503 5.67 28.53 13.10
N ALA A 504 5.22 27.35 13.56
CA ALA A 504 4.90 26.27 12.65
C ALA A 504 3.44 26.26 12.21
N ILE A 505 2.61 27.13 12.76
CA ILE A 505 1.19 27.17 12.41
C ILE A 505 1.02 28.18 11.27
N ILE A 506 0.73 27.71 10.07
CA ILE A 506 0.60 28.54 8.88
C ILE A 506 -0.87 28.76 8.58
N GLY A 507 -1.23 29.98 8.21
CA GLY A 507 -2.58 30.25 7.78
C GLY A 507 -3.59 30.39 8.90
N GLY A 508 -3.17 30.79 10.10
CA GLY A 508 -4.10 30.96 11.20
C GLY A 508 -3.52 30.61 12.56
C2 BGC B . -1.50 -2.21 1.67
C3 BGC B . -1.19 -3.57 1.11
C4 BGC B . -2.43 -4.41 1.05
C5 BGC B . -3.45 -3.73 0.13
C6 BGC B . -4.71 -4.52 0.01
C1 BGC B . -2.53 -1.51 0.77
O1 BGC B . -2.94 -0.32 1.26
O2 BGC B . -0.31 -1.42 1.72
O3 BGC B . -0.17 -4.27 1.87
O4 BGC B . -2.10 -5.72 0.56
O5 BGC B . -3.76 -2.36 0.63
O6 BGC B . -5.62 -3.70 -0.69
O22 P33 C . 6.61 -14.11 -7.45
C21 P33 C . 7.46 -14.46 -6.38
C20 P33 C . 6.84 -14.05 -5.03
O19 P33 C . 7.03 -15.06 -4.08
C18 P33 C . 6.30 -14.93 -2.88
C17 P33 C . 6.54 -16.14 -1.96
O16 P33 C . 5.98 -15.90 -0.68
C15 P33 C . 6.70 -16.40 0.41
C14 P33 C . 6.35 -15.61 1.68
O13 P33 C . 6.34 -14.23 1.41
C12 P33 C . 5.92 -13.46 2.52
C11 P33 C . 6.31 -12.00 2.33
O10 P33 C . 5.22 -11.10 2.23
C9 P33 C . 4.11 -11.57 1.50
C8 P33 C . 3.19 -10.42 1.10
O7 P33 C . 2.52 -10.81 -0.07
C6 P33 C . 2.08 -12.15 -0.02
C5 P33 C . 2.40 -12.93 -1.30
O4 P33 C . 2.14 -14.28 -1.03
C3 P33 C . 2.94 -14.84 -0.03
C2 P33 C . 2.08 -15.57 1.01
O1 P33 C . 2.42 -15.02 2.25
P PO4 D . 8.75 -21.80 -20.58
O1 PO4 D . 7.87 -20.65 -21.02
O2 PO4 D . 10.15 -21.33 -20.30
O3 PO4 D . 8.80 -22.86 -21.67
O4 PO4 D . 8.21 -22.38 -19.30
C18 OLC E . 19.65 0.80 -7.22
C10 OLC E . 19.81 -5.94 -3.09
C9 OLC E . 19.68 -7.25 -3.06
C17 OLC E . 18.46 1.34 -6.39
C11 OLC E . 18.72 -5.00 -2.58
C8 OLC E . 18.43 -7.94 -2.50
C24 OLC E . 18.23 -20.65 -6.41
C16 OLC E . 18.37 0.59 -5.07
C12 OLC E . 19.20 -3.55 -2.62
C7 OLC E . 18.71 -9.43 -2.28
C15 OLC E . 18.52 -0.91 -5.31
C13 OLC E . 19.10 -2.99 -4.03
C6 OLC E . 19.13 -10.04 -3.61
C14 OLC E . 18.42 -1.63 -3.97
C5 OLC E . 19.63 -11.47 -3.41
C4 OLC E . 18.77 -12.37 -4.30
C3 OLC E . 19.23 -13.84 -4.24
C2 OLC E . 18.15 -14.67 -4.91
C21 OLC E . 18.15 -18.48 -5.17
C1 OLC E . 18.50 -16.15 -4.77
C22 OLC E . 17.34 -19.49 -5.98
O19 OLC E . 19.43 -16.44 -4.07
O25 OLC E . 18.39 -21.54 -5.33
O23 OLC E . 16.32 -20.00 -5.18
O20 OLC E . 17.75 -17.16 -5.42
C18 OLC F . -21.03 4.78 -1.35
C10 OLC F . -18.88 -4.86 -0.63
C9 OLC F . -18.52 -5.70 0.32
C17 OLC F . -20.06 3.61 -1.21
C11 OLC F . -18.38 -3.41 -0.53
C8 OLC F . -18.97 -7.17 0.32
C24 OLC F . -17.52 -19.33 -1.63
C16 OLC F . -20.78 2.32 -1.60
C12 OLC F . -19.18 -2.49 -1.46
C7 OLC F . -18.59 -7.79 1.67
C15 OLC F . -20.29 1.15 -0.76
C13 OLC F . -19.50 -1.20 -0.69
C6 OLC F . -19.42 -9.04 1.92
C14 OLC F . -19.94 -0.07 -1.62
C5 OLC F . -18.54 -10.29 1.80
C4 OLC F . -19.05 -11.18 0.66
C3 OLC F . -18.91 -12.64 1.08
C2 OLC F . -18.53 -13.50 -0.11
C21 OLC F . -18.48 -17.27 -0.45
C1 OLC F . -18.42 -14.98 0.30
C22 OLC F . -18.35 -18.05 -1.77
O19 OLC F . -18.69 -15.29 1.40
O25 OLC F . -17.57 -20.11 -2.80
O23 OLC F . -19.63 -18.42 -2.22
O20 OLC F . -18.02 -15.95 -0.63
C18 OLC G . -19.65 1.16 8.41
C10 OLC G . -19.45 -7.43 11.38
C9 OLC G . -19.45 -8.75 11.23
C17 OLC G . -21.06 0.57 8.53
C11 OLC G . -20.18 -6.59 10.31
C8 OLC G . -20.16 -9.32 10.02
C24 OLC G . -23.16 -18.95 3.47
C16 OLC G . -21.12 -0.39 9.72
C12 OLC G . -19.98 -5.08 10.55
C7 OLC G . -19.98 -10.84 9.97
C15 OLC G . -21.56 -1.78 9.27
C13 OLC G . -20.83 -4.21 9.60
C6 OLC G . -21.15 -11.39 9.18
C14 OLC G . -21.00 -2.83 10.25
C5 OLC G . -20.75 -11.52 7.72
C4 OLC G . -22.01 -11.69 6.88
C3 OLC G . -21.66 -12.60 5.70
C2 OLC G . -22.93 -13.14 5.06
C21 OLC G . -23.04 -16.55 4.22
C1 OLC G . -22.61 -14.26 4.08
C22 OLC G . -22.27 -17.70 3.59
O19 OLC G . -22.77 -14.10 2.91
O25 OLC G . -22.41 -20.14 3.55
O23 OLC G . -21.88 -17.25 2.32
O20 OLC G . -22.16 -15.51 4.53
C18 OLC H . -9.75 -6.90 -17.26
C10 OLC H . -6.85 2.01 -13.80
C9 OLC H . -7.58 2.71 -12.95
C17 OLC H . -8.85 -5.71 -17.63
C11 OLC H . -7.53 1.14 -14.88
C8 OLC H . -6.95 3.60 -11.86
C24 OLC H . -13.88 12.83 -7.60
C16 OLC H . -9.18 -4.50 -16.75
C12 OLC H . -7.34 -0.35 -14.56
C7 OLC H . -8.03 3.90 -10.82
C15 OLC H . -8.02 -3.50 -16.74
C13 OLC H . -7.39 -1.20 -15.84
C6 OLC H . -7.61 4.98 -9.82
C14 OLC H . -8.20 -2.48 -15.60
C5 OLC H . -8.64 6.11 -9.88
C4 OLC H . -9.34 6.32 -8.54
C3 OLC H . -10.28 7.52 -8.68
C2 OLC H . -11.16 7.68 -7.45
C21 OLC H . -12.50 10.73 -7.29
C1 OLC H . -10.88 9.04 -6.81
C22 OLC H . -13.08 11.97 -6.61
O19 OLC H . -9.76 9.39 -6.71
O25 OLC H . -14.65 13.76 -6.88
O23 OLC H . -13.92 11.60 -5.55
O20 OLC H . -11.91 9.88 -6.34
C18 OLC I . 0.61 -0.36 -24.02
C10 OLC I . 3.45 -9.30 -22.58
C9 OLC I . 4.45 -10.14 -22.47
C17 OLC I . 0.84 -1.85 -24.18
C11 OLC I . 3.74 -7.82 -22.31
C8 OLC I . 4.29 -11.64 -22.72
C24 OLC I . 11.64 -21.82 -23.12
C16 OLC I . 2.32 -2.20 -23.94
C12 OLC I . 2.90 -6.88 -23.19
C7 OLC I . 5.64 -12.27 -23.09
C15 OLC I . 2.62 -3.65 -24.34
C13 OLC I . 3.80 -5.71 -23.58
C6 OLC I . 5.41 -13.57 -23.87
C14 OLC I . 3.24 -4.36 -23.15
C5 OLC I . 6.74 -14.26 -24.26
C4 OLC I . 6.55 -15.77 -24.34
C3 OLC I . 7.48 -16.42 -25.37
C2 OLC I . 8.57 -17.15 -24.60
C21 OLC I . 10.37 -20.11 -24.47
C1 OLC I . 9.16 -18.29 -25.42
C22 OLC I . 11.59 -20.35 -23.56
O19 OLC I . 8.57 -18.70 -26.36
O25 OLC I . 12.90 -22.13 -22.61
O23 OLC I . 12.77 -20.02 -24.24
O20 OLC I . 10.40 -18.83 -25.04
#